data_9LI0
#
_entry.id   9LI0
#
_cell.length_a   31.150
_cell.length_b   61.920
_cell.length_c   92.540
_cell.angle_alpha   90.000
_cell.angle_beta   94.260
_cell.angle_gamma   90.000
#
_symmetry.space_group_name_H-M   'P 1 21 1'
#
loop_
_entity.id
_entity.type
_entity.pdbx_description
1 polymer 'DUF3494 domain-containing protein'
2 water water
#
_entity_poly.entity_id   1
_entity_poly.type   'polypeptide(L)'
_entity_poly.pdbx_seq_one_letter_code
;GSHMASPAAVNLGTAGNFVILAKSGISTTGTTHVTGDIGVSPITATGITGFGLTMDSSNTFATSALVTGKVYAADYTPPT
PANMSTAVSDMETAYTAAAGVTAPAPVVELGAGNIGGMTLAPGVYKWSTGVTIPTDVTLAGGANDVWIFQIAQTLDLSNG
IHVNLSGGAQAANIFWQVAGQTTLGTTSVFNGNILDQTAIVLNTGATLNGRALAQTAVTLDASTVSAS
;
_entity_poly.pdbx_strand_id   A,B
#
# COMPACT_ATOMS: atom_id res chain seq x y z
N SER A 6 27.14 8.53 6.83
CA SER A 6 25.81 8.98 7.22
C SER A 6 24.98 9.01 5.93
N PRO A 7 23.74 8.57 6.07
CA PRO A 7 22.73 8.83 5.06
C PRO A 7 22.50 10.35 4.84
N ALA A 8 21.92 10.65 3.71
CA ALA A 8 21.42 12.01 3.41
C ALA A 8 20.05 12.15 4.06
N ALA A 9 19.76 13.31 4.61
CA ALA A 9 18.51 13.60 5.29
C ALA A 9 17.37 13.47 4.26
N VAL A 10 16.25 12.95 4.69
CA VAL A 10 15.02 12.92 3.88
C VAL A 10 14.53 14.36 3.75
N ASN A 11 14.12 14.69 2.53
CA ASN A 11 13.51 16.00 2.19
C ASN A 11 12.05 15.97 2.60
N LEU A 12 11.70 16.67 3.68
CA LEU A 12 10.29 16.76 4.12
C LEU A 12 9.57 17.82 3.29
N GLY A 13 10.30 18.65 2.57
CA GLY A 13 9.70 19.82 1.92
C GLY A 13 8.90 20.66 2.90
N THR A 14 7.74 21.17 2.48
CA THR A 14 6.94 22.10 3.32
C THR A 14 6.25 21.35 4.47
N ALA A 15 6.27 20.02 4.49
CA ALA A 15 5.78 19.28 5.66
C ALA A 15 6.70 19.52 6.85
N GLY A 16 7.91 19.96 6.60
CA GLY A 16 8.88 20.39 7.64
C GLY A 16 8.49 21.67 8.38
N ASN A 17 7.39 22.29 7.98
CA ASN A 17 6.81 23.48 8.64
C ASN A 17 5.77 23.10 9.69
N PHE A 18 5.55 21.82 9.92
CA PHE A 18 4.50 21.33 10.83
C PHE A 18 5.14 20.42 11.87
N VAL A 19 4.67 20.47 13.09
CA VAL A 19 4.99 19.41 14.08
C VAL A 19 3.89 18.36 14.06
N ILE A 20 2.68 18.64 13.59
CA ILE A 20 1.64 17.62 13.36
C ILE A 20 0.94 17.94 12.04
N LEU A 21 1.05 17.01 11.11
CA LEU A 21 0.32 17.12 9.84
C LEU A 21 -0.45 15.83 9.67
N ALA A 22 -1.73 15.92 9.29
CA ALA A 22 -2.58 14.73 9.17
C ALA A 22 -3.60 14.93 8.06
N LYS A 23 -3.98 13.85 7.46
CA LYS A 23 -5.01 13.87 6.41
C LYS A 23 -6.42 13.66 6.93
N SER A 24 -6.64 12.93 8.01
CA SER A 24 -8.01 12.54 8.43
C SER A 24 -8.32 13.02 9.84
N GLY A 25 -7.38 13.63 10.55
CA GLY A 25 -7.77 14.27 11.82
C GLY A 25 -6.60 14.48 12.76
N ILE A 26 -6.78 15.44 13.65
CA ILE A 26 -5.85 15.62 14.83
C ILE A 26 -6.77 15.74 16.03
N SER A 27 -6.68 14.85 17.03
CA SER A 27 -7.55 14.95 18.21
C SER A 27 -6.70 15.07 19.47
N THR A 28 -7.23 15.73 20.49
CA THR A 28 -6.51 15.85 21.79
C THR A 28 -7.53 15.74 22.92
N THR A 29 -7.08 15.14 24.02
CA THR A 29 -7.73 15.22 25.34
C THR A 29 -6.63 15.35 26.39
N GLY A 30 -7.05 15.82 27.55
CA GLY A 30 -6.10 15.93 28.66
C GLY A 30 -5.13 17.05 28.49
N THR A 31 -4.11 17.06 29.33
CA THR A 31 -3.17 18.20 29.51
C THR A 31 -2.10 18.11 28.41
N THR A 32 -2.49 18.44 27.20
CA THR A 32 -1.61 18.46 26.02
C THR A 32 -0.93 19.83 25.89
N HIS A 33 0.26 19.81 25.34
CA HIS A 33 1.10 21.00 25.10
C HIS A 33 1.83 20.80 23.80
N VAL A 34 1.49 21.55 22.74
CA VAL A 34 2.17 21.42 21.42
C VAL A 34 2.98 22.68 21.15
N THR A 35 4.21 22.52 20.66
CA THR A 35 5.02 23.69 20.22
C THR A 35 5.36 23.49 18.75
N GLY A 36 4.86 24.38 17.89
CA GLY A 36 5.01 24.25 16.42
C GLY A 36 3.63 24.35 15.77
N ASP A 37 3.58 24.31 14.47
CA ASP A 37 2.33 24.45 13.73
C ASP A 37 1.68 23.10 13.54
N ILE A 38 0.37 23.09 13.36
CA ILE A 38 -0.36 21.84 13.12
C ILE A 38 -1.34 22.09 12.00
N GLY A 39 -1.68 21.04 11.29
CA GLY A 39 -2.70 21.24 10.25
C GLY A 39 -3.25 19.94 9.75
N VAL A 40 -4.40 20.07 9.06
CA VAL A 40 -5.06 18.94 8.37
C VAL A 40 -5.46 19.34 6.95
N SER A 41 -5.29 18.40 6.05
CA SER A 41 -5.82 18.51 4.68
C SER A 41 -5.88 17.11 4.10
N PRO A 42 -6.92 16.75 3.31
CA PRO A 42 -7.90 17.69 2.75
C PRO A 42 -9.15 17.92 3.60
N ILE A 43 -9.21 17.32 4.76
CA ILE A 43 -10.39 17.52 5.65
C ILE A 43 -10.44 18.95 6.17
N THR A 44 -11.57 19.31 6.68
CA THR A 44 -11.82 20.63 7.27
C THR A 44 -11.34 20.63 8.73
N ALA A 45 -11.39 21.81 9.35
CA ALA A 45 -10.95 21.97 10.75
C ALA A 45 -11.91 21.20 11.69
N THR A 46 -13.11 20.76 11.29
CA THR A 46 -13.93 19.94 12.21
C THR A 46 -13.18 18.67 12.54
N GLY A 47 -12.20 18.27 11.75
CA GLY A 47 -11.38 17.09 12.07
C GLY A 47 -10.26 17.40 13.07
N ILE A 48 -10.13 18.65 13.50
CA ILE A 48 -9.17 19.01 14.58
C ILE A 48 -10.03 19.16 15.82
N THR A 49 -9.90 18.25 16.77
CA THR A 49 -10.83 18.22 17.93
C THR A 49 -10.06 18.37 19.22
N GLY A 50 -10.70 19.07 20.16
CA GLY A 50 -10.12 19.23 21.51
C GLY A 50 -9.33 20.52 21.69
N PHE A 51 -9.12 21.30 20.64
CA PHE A 51 -8.14 22.42 20.71
C PHE A 51 -8.79 23.79 20.96
N GLY A 52 -10.12 23.92 20.90
CA GLY A 52 -10.72 25.22 21.24
C GLY A 52 -10.23 26.30 20.29
N LEU A 53 -10.36 26.03 19.01
CA LEU A 53 -9.77 26.92 17.98
C LEU A 53 -10.47 28.30 17.89
N THR A 54 -9.67 29.32 17.64
CA THR A 54 -10.15 30.67 17.32
C THR A 54 -9.46 31.12 16.03
N MET A 55 -10.27 31.54 15.08
CA MET A 55 -9.71 32.06 13.82
C MET A 55 -9.00 33.37 14.06
N ASP A 56 -7.94 33.56 13.32
CA ASP A 56 -7.37 34.91 13.05
C ASP A 56 -8.40 35.69 12.22
N SER A 57 -8.35 37.03 12.25
CA SER A 57 -9.32 37.82 11.47
C SER A 57 -9.14 37.55 9.97
N SER A 58 -7.94 37.18 9.50
CA SER A 58 -7.70 36.83 8.07
C SER A 58 -8.37 35.50 7.73
N ASN A 59 -8.75 34.70 8.73
CA ASN A 59 -9.24 33.31 8.54
C ASN A 59 -8.23 32.43 7.78
N THR A 60 -6.93 32.79 7.79
CA THR A 60 -5.90 31.93 7.15
C THR A 60 -5.36 30.91 8.14
N PHE A 61 -5.63 31.10 9.41
CA PHE A 61 -5.15 30.19 10.45
C PHE A 61 -6.03 30.40 11.67
N ALA A 62 -5.79 29.56 12.66
CA ALA A 62 -6.45 29.62 13.97
C ALA A 62 -5.41 29.44 15.05
N THR A 63 -5.82 29.75 16.26
CA THR A 63 -4.93 29.54 17.42
C THR A 63 -5.67 28.74 18.47
N SER A 64 -4.88 28.07 19.31
CA SER A 64 -5.35 27.23 20.41
C SER A 64 -4.51 27.55 21.63
N ALA A 65 -5.14 27.58 22.82
CA ALA A 65 -4.33 27.70 24.06
C ALA A 65 -3.29 26.58 24.14
N LEU A 66 -3.58 25.43 23.54
CA LEU A 66 -2.72 24.22 23.70
C LEU A 66 -1.52 24.27 22.73
N VAL A 67 -1.48 25.21 21.79
CA VAL A 67 -0.51 25.21 20.68
C VAL A 67 0.29 26.50 20.71
N THR A 68 1.60 26.42 20.93
CA THR A 68 2.50 27.58 20.72
C THR A 68 2.90 27.58 19.26
N GLY A 69 2.08 28.23 18.42
CA GLY A 69 2.18 28.19 16.97
C GLY A 69 0.82 28.43 16.37
N LYS A 70 0.62 27.91 15.19
CA LYS A 70 -0.58 28.22 14.41
C LYS A 70 -1.21 26.93 13.93
N VAL A 71 -2.51 26.98 13.69
CA VAL A 71 -3.35 25.83 13.29
C VAL A 71 -3.97 26.11 11.91
N TYR A 72 -3.77 25.18 11.00
CA TYR A 72 -4.23 25.34 9.60
C TYR A 72 -5.13 24.19 9.20
N ALA A 73 -6.05 24.46 8.26
CA ALA A 73 -6.94 23.42 7.71
C ALA A 73 -7.30 23.76 6.27
N ALA A 74 -7.84 22.77 5.57
CA ALA A 74 -8.11 22.84 4.12
C ALA A 74 -9.19 23.88 3.80
N ASP A 75 -10.07 24.17 4.76
CA ASP A 75 -11.22 25.08 4.50
C ASP A 75 -10.96 26.49 5.04
N TYR A 76 -9.69 26.89 5.19
CA TYR A 76 -9.32 28.25 5.61
C TYR A 76 -9.11 29.12 4.37
N THR A 77 -8.76 30.40 4.57
CA THR A 77 -8.75 31.40 3.46
C THR A 77 -7.46 31.21 2.68
N PRO A 78 -7.46 31.38 1.35
CA PRO A 78 -6.23 31.40 0.56
C PRO A 78 -5.18 32.29 1.18
N PRO A 79 -3.89 31.90 1.17
CA PRO A 79 -3.42 30.72 0.45
C PRO A 79 -3.35 29.42 1.26
N THR A 80 -4.05 29.35 2.37
CA THR A 80 -3.93 28.17 3.26
C THR A 80 -4.34 26.89 2.59
N PRO A 81 -5.45 26.83 1.81
CA PRO A 81 -5.78 25.55 1.21
C PRO A 81 -4.65 25.06 0.31
N ALA A 82 -4.14 25.91 -0.54
CA ALA A 82 -3.09 25.50 -1.49
C ALA A 82 -1.83 25.11 -0.71
N ASN A 83 -1.44 25.86 0.30
CA ASN A 83 -0.25 25.60 1.15
C ASN A 83 -0.42 24.25 1.84
N MET A 84 -1.63 23.94 2.32
CA MET A 84 -1.86 22.67 3.01
C MET A 84 -1.80 21.50 2.02
N SER A 85 -2.36 21.69 0.80
CA SER A 85 -2.31 20.63 -0.23
C SER A 85 -0.84 20.34 -0.56
N THR A 86 -0.03 21.39 -0.66
CA THR A 86 1.41 21.24 -0.97
C THR A 86 2.16 20.53 0.18
N ALA A 87 1.82 20.87 1.43
CA ALA A 87 2.47 20.24 2.61
C ALA A 87 2.11 18.76 2.59
N VAL A 88 0.85 18.43 2.35
CA VAL A 88 0.46 16.99 2.35
C VAL A 88 1.16 16.25 1.20
N SER A 89 1.19 16.83 0.00
CA SER A 89 1.95 16.25 -1.13
C SER A 89 3.42 16.03 -0.72
N ASP A 90 4.04 17.02 -0.08
CA ASP A 90 5.46 16.92 0.31
C ASP A 90 5.65 15.82 1.35
N MET A 91 4.69 15.63 2.25
CA MET A 91 4.73 14.53 3.21
C MET A 91 4.69 13.20 2.43
N GLU A 92 3.72 13.08 1.50
CA GLU A 92 3.58 11.82 0.75
C GLU A 92 4.86 11.54 -0.03
N THR A 93 5.45 12.57 -0.62
CA THR A 93 6.69 12.44 -1.40
C THR A 93 7.80 11.98 -0.44
N ALA A 94 7.89 12.56 0.74
CA ALA A 94 8.94 12.23 1.74
C ALA A 94 8.74 10.78 2.20
N TYR A 95 7.50 10.36 2.49
CA TYR A 95 7.25 8.96 2.91
C TYR A 95 7.84 8.02 1.87
N THR A 96 7.48 8.24 0.61
CA THR A 96 7.88 7.31 -0.47
C THR A 96 9.41 7.36 -0.63
N ALA A 97 10.01 8.52 -0.56
CA ALA A 97 11.48 8.66 -0.67
C ALA A 97 12.19 7.93 0.48
N ALA A 98 11.71 8.10 1.69
CA ALA A 98 12.36 7.49 2.89
C ALA A 98 12.27 5.98 2.73
N ALA A 99 11.12 5.49 2.27
CA ALA A 99 10.94 4.03 2.12
C ALA A 99 11.89 3.54 1.03
N GLY A 100 12.19 4.38 0.05
CA GLY A 100 12.99 4.02 -1.14
C GLY A 100 14.47 4.21 -0.97
N VAL A 101 14.99 4.71 0.14
CA VAL A 101 16.46 4.99 0.24
C VAL A 101 17.20 3.64 0.19
N THR A 102 18.28 3.56 -0.61
CA THR A 102 19.05 2.30 -0.81
C THR A 102 20.52 2.53 -0.49
N ALA A 103 20.96 3.77 -0.24
CA ALA A 103 22.35 4.09 0.12
C ALA A 103 22.35 5.05 1.30
N PRO A 104 23.21 4.83 2.31
CA PRO A 104 24.08 3.68 2.41
C PRO A 104 23.27 2.39 2.52
N ALA A 105 23.92 1.27 2.22
CA ALA A 105 23.22 -0.03 2.21
C ALA A 105 22.72 -0.30 3.63
N PRO A 106 21.54 -0.89 3.74
CA PRO A 106 20.92 -1.05 5.06
C PRO A 106 21.46 -2.19 5.93
N VAL A 107 21.18 -2.08 7.22
CA VAL A 107 21.10 -3.18 8.21
C VAL A 107 19.65 -3.67 8.17
N VAL A 108 19.47 -4.96 8.01
CA VAL A 108 18.14 -5.48 7.63
C VAL A 108 17.74 -6.54 8.64
N GLU A 109 16.53 -6.39 9.20
CA GLU A 109 15.86 -7.33 10.13
C GLU A 109 16.59 -7.41 11.46
N LEU A 110 17.25 -6.33 11.86
CA LEU A 110 18.01 -6.28 13.13
C LEU A 110 17.06 -6.64 14.29
N GLY A 111 17.47 -7.56 15.16
CA GLY A 111 16.70 -7.92 16.35
C GLY A 111 15.34 -8.50 16.06
N ALA A 112 15.09 -8.92 14.85
CA ALA A 112 13.77 -9.33 14.38
C ALA A 112 12.74 -8.26 14.74
N GLY A 113 13.16 -7.01 14.69
CA GLY A 113 12.26 -5.86 14.93
C GLY A 113 12.37 -5.31 16.34
N ASN A 114 13.01 -6.02 17.25
CA ASN A 114 13.10 -5.59 18.67
C ASN A 114 14.45 -4.88 18.81
N ILE A 115 14.40 -3.55 18.88
CA ILE A 115 15.64 -2.74 19.03
C ILE A 115 15.85 -2.29 20.47
N GLY A 116 15.08 -2.84 21.41
CA GLY A 116 15.32 -2.54 22.81
C GLY A 116 16.71 -2.82 23.24
N GLY A 117 17.29 -1.89 23.98
CA GLY A 117 18.61 -2.06 24.59
C GLY A 117 19.77 -1.80 23.65
N MET A 118 19.46 -1.50 22.40
CA MET A 118 20.50 -1.37 21.37
C MET A 118 21.02 0.08 21.27
N THR A 119 22.26 0.23 20.83
CA THR A 119 22.83 1.52 20.41
C THR A 119 23.08 1.47 18.92
N LEU A 120 22.43 2.33 18.16
CA LEU A 120 22.50 2.34 16.70
C LEU A 120 23.29 3.53 16.21
N ALA A 121 24.30 3.24 15.42
CA ALA A 121 25.05 4.28 14.70
C ALA A 121 24.19 4.82 13.57
N PRO A 122 24.52 6.01 13.02
CA PRO A 122 23.81 6.56 11.88
C PRO A 122 23.80 5.54 10.76
N GLY A 123 22.71 5.51 10.01
CA GLY A 123 22.61 4.54 8.93
C GLY A 123 21.17 4.37 8.50
N VAL A 124 20.96 3.41 7.62
CA VAL A 124 19.64 2.99 7.08
C VAL A 124 19.35 1.61 7.68
N TYR A 125 18.19 1.47 8.32
CA TYR A 125 17.76 0.23 8.97
C TYR A 125 16.40 -0.15 8.38
N LYS A 126 16.25 -1.39 7.98
CA LYS A 126 15.07 -1.84 7.23
C LYS A 126 14.52 -3.10 7.92
N TRP A 127 13.20 -3.16 8.04
CA TRP A 127 12.48 -4.36 8.53
C TRP A 127 11.29 -4.70 7.65
N SER A 128 11.10 -6.02 7.49
CA SER A 128 9.87 -6.60 6.90
C SER A 128 8.79 -6.76 8.00
N THR A 129 9.25 -6.79 9.25
CA THR A 129 8.39 -6.93 10.46
C THR A 129 7.95 -5.53 10.87
N GLY A 130 7.20 -5.50 11.94
CA GLY A 130 7.08 -4.28 12.73
C GLY A 130 8.33 -4.09 13.56
N VAL A 131 8.41 -2.96 14.24
CA VAL A 131 9.51 -2.62 15.19
C VAL A 131 8.87 -2.41 16.56
N THR A 132 9.53 -2.91 17.58
CA THR A 132 9.10 -2.71 18.97
C THR A 132 10.30 -2.20 19.79
N ILE A 133 9.99 -1.29 20.72
CA ILE A 133 11.04 -0.71 21.57
C ILE A 133 10.58 -0.90 22.99
N PRO A 134 10.84 -2.08 23.60
CA PRO A 134 10.35 -2.35 24.94
C PRO A 134 11.31 -1.96 26.06
N THR A 135 12.51 -1.58 25.69
CA THR A 135 13.53 -1.02 26.57
C THR A 135 14.25 0.06 25.75
N ASP A 136 14.90 0.98 26.41
CA ASP A 136 15.40 2.17 25.70
C ASP A 136 16.31 1.75 24.55
N VAL A 137 16.23 2.47 23.45
CA VAL A 137 17.19 2.38 22.33
C VAL A 137 17.94 3.70 22.32
N THR A 138 19.21 3.67 21.93
CA THR A 138 20.04 4.88 21.87
C THR A 138 20.52 5.07 20.45
N LEU A 139 20.30 6.27 19.92
CA LEU A 139 20.84 6.67 18.62
C LEU A 139 22.05 7.57 18.87
N ALA A 140 23.23 7.04 18.55
CA ALA A 140 24.50 7.70 18.95
C ALA A 140 25.23 8.21 17.69
N GLY A 141 25.44 9.52 17.61
CA GLY A 141 26.09 10.13 16.45
C GLY A 141 26.16 11.63 16.61
N GLY A 142 26.63 12.29 15.57
CA GLY A 142 26.91 13.72 15.61
C GLY A 142 25.72 14.57 15.24
N ALA A 143 25.90 15.89 15.36
CA ALA A 143 24.93 16.97 15.12
C ALA A 143 24.22 16.81 13.76
N ASN A 144 24.92 16.37 12.71
CA ASN A 144 24.28 16.31 11.36
C ASN A 144 24.13 14.87 10.88
N ASP A 145 24.40 13.89 11.73
CA ASP A 145 24.21 12.48 11.38
C ASP A 145 22.73 12.14 11.20
N VAL A 146 22.46 11.24 10.28
CA VAL A 146 21.09 10.88 9.91
C VAL A 146 20.83 9.41 10.21
N TRP A 147 19.63 9.13 10.68
CA TRP A 147 19.09 7.76 10.76
C TRP A 147 17.84 7.66 9.91
N ILE A 148 17.68 6.55 9.17
CA ILE A 148 16.45 6.33 8.36
C ILE A 148 16.00 4.91 8.70
N PHE A 149 14.84 4.80 9.27
CA PHE A 149 14.24 3.52 9.67
C PHE A 149 13.10 3.21 8.71
N GLN A 150 13.15 2.04 8.08
CA GLN A 150 12.17 1.66 7.04
C GLN A 150 11.39 0.46 7.58
N ILE A 151 10.15 0.67 7.96
CA ILE A 151 9.37 -0.32 8.73
C ILE A 151 8.12 -0.68 7.94
N ALA A 152 8.04 -1.96 7.55
CA ALA A 152 6.95 -2.42 6.68
C ALA A 152 5.66 -2.61 7.48
N GLN A 153 5.72 -2.75 8.81
CA GLN A 153 4.52 -2.90 9.63
C GLN A 153 4.43 -1.77 10.65
N THR A 154 4.17 -2.07 11.92
CA THR A 154 3.88 -1.08 12.96
C THR A 154 5.16 -0.69 13.66
N LEU A 155 5.06 0.41 14.36
CA LEU A 155 6.13 0.90 15.27
C LEU A 155 5.50 1.09 16.63
N ASP A 156 6.13 0.54 17.67
CA ASP A 156 5.60 0.65 19.05
C ASP A 156 6.72 1.04 19.98
N LEU A 157 6.50 2.11 20.74
CA LEU A 157 7.40 2.48 21.85
C LEU A 157 6.63 2.14 23.14
N SER A 158 7.21 1.28 23.99
CA SER A 158 6.46 0.81 25.17
C SER A 158 6.29 1.91 26.22
N ASN A 159 5.39 1.70 27.16
CA ASN A 159 5.11 2.67 28.22
C ASN A 159 6.43 3.00 28.92
N GLY A 160 6.67 4.28 29.16
CA GLY A 160 7.82 4.70 29.96
C GLY A 160 9.14 4.59 29.23
N ILE A 161 9.18 4.15 28.00
CA ILE A 161 10.43 3.91 27.28
C ILE A 161 10.83 5.14 26.47
N HIS A 162 12.12 5.25 26.28
CA HIS A 162 12.69 6.39 25.53
C HIS A 162 13.50 5.93 24.33
N VAL A 163 13.41 6.74 23.28
CA VAL A 163 14.41 6.78 22.18
C VAL A 163 15.46 7.81 22.60
N ASN A 164 16.59 7.39 23.10
CA ASN A 164 17.62 8.31 23.57
C ASN A 164 18.49 8.79 22.43
N LEU A 165 18.89 10.05 22.50
CA LEU A 165 19.91 10.60 21.59
C LEU A 165 21.22 10.81 22.34
N SER A 166 22.33 10.45 21.73
CA SER A 166 23.67 10.67 22.34
C SER A 166 24.65 11.15 21.27
N GLY A 167 25.62 11.92 21.72
CA GLY A 167 26.81 12.29 20.95
C GLY A 167 26.59 13.54 20.12
N GLY A 168 25.43 14.15 20.18
CA GLY A 168 25.09 15.34 19.36
C GLY A 168 23.94 15.04 18.42
N ALA A 169 23.53 13.78 18.32
CA ALA A 169 22.38 13.37 17.48
C ALA A 169 21.22 14.37 17.72
N GLN A 170 20.49 14.70 16.65
CA GLN A 170 19.35 15.64 16.71
C GLN A 170 18.11 14.98 16.15
N ALA A 171 17.01 15.16 16.86
CA ALA A 171 15.70 14.61 16.46
C ALA A 171 15.38 15.00 15.03
N ALA A 172 15.75 16.21 14.61
CA ALA A 172 15.41 16.68 13.26
C ALA A 172 16.02 15.79 12.18
N ASN A 173 17.08 15.01 12.48
CA ASN A 173 17.82 14.26 11.45
C ASN A 173 17.50 12.79 11.54
N ILE A 174 16.41 12.43 12.20
CA ILE A 174 15.96 11.03 12.38
C ILE A 174 14.62 10.86 11.68
N PHE A 175 14.50 9.81 10.89
CA PHE A 175 13.31 9.64 10.02
C PHE A 175 12.78 8.22 10.20
N TRP A 176 11.54 8.10 10.63
CA TRP A 176 10.88 6.79 10.84
C TRP A 176 9.79 6.66 9.80
N GLN A 177 10.04 5.84 8.80
CA GLN A 177 9.02 5.56 7.74
C GLN A 177 8.25 4.31 8.14
N VAL A 178 6.94 4.44 8.40
CA VAL A 178 6.15 3.36 9.05
C VAL A 178 4.88 3.14 8.23
N ALA A 179 4.73 1.94 7.70
CA ALA A 179 3.55 1.63 6.86
C ALA A 179 2.31 1.39 7.72
N GLY A 180 2.45 0.82 8.90
CA GLY A 180 1.35 0.64 9.85
C GLY A 180 1.30 1.76 10.87
N GLN A 181 0.55 1.57 11.91
CA GLN A 181 0.36 2.59 12.95
C GLN A 181 1.65 2.69 13.76
N THR A 182 1.91 3.91 14.19
CA THR A 182 2.95 4.14 15.22
C THR A 182 2.19 4.42 16.52
N THR A 183 2.56 3.74 17.60
CA THR A 183 1.89 3.94 18.89
C THR A 183 2.97 4.23 19.92
N LEU A 184 2.82 5.40 20.57
CA LEU A 184 3.78 5.79 21.63
C LEU A 184 3.07 5.57 22.97
N GLY A 185 3.71 4.77 23.81
CA GLY A 185 3.11 4.36 25.09
C GLY A 185 3.02 5.48 26.10
N THR A 186 2.28 5.22 27.14
CA THR A 186 2.09 6.23 28.18
C THR A 186 3.46 6.61 28.75
N THR A 187 3.64 7.90 29.01
CA THR A 187 4.88 8.47 29.63
C THR A 187 6.11 8.06 28.80
N SER A 188 6.00 7.75 27.53
CA SER A 188 7.15 7.43 26.66
C SER A 188 7.76 8.71 26.12
N VAL A 189 8.96 8.63 25.58
CA VAL A 189 9.63 9.79 24.96
C VAL A 189 10.29 9.35 23.68
N PHE A 190 9.75 9.89 22.58
CA PHE A 190 10.18 9.57 21.22
C PHE A 190 10.93 10.74 20.60
N ASN A 191 11.95 10.41 19.84
CA ASN A 191 12.73 11.43 19.05
C ASN A 191 12.69 11.04 17.58
N GLY A 192 12.32 12.00 16.77
CA GLY A 192 12.46 11.93 15.31
C GLY A 192 11.17 12.26 14.56
N ASN A 193 11.27 12.28 13.27
CA ASN A 193 10.15 12.55 12.36
C ASN A 193 9.46 11.23 12.03
N ILE A 194 8.17 11.16 12.20
CA ILE A 194 7.38 9.94 11.92
C ILE A 194 6.63 10.21 10.63
N LEU A 195 7.04 9.52 9.59
CA LEU A 195 6.29 9.55 8.31
C LEU A 195 5.42 8.29 8.28
N ASP A 196 4.15 8.44 8.62
CA ASP A 196 3.26 7.29 8.78
C ASP A 196 2.31 7.18 7.58
N GLN A 197 2.20 5.96 7.08
CA GLN A 197 1.17 5.73 6.04
C GLN A 197 -0.20 5.80 6.70
N THR A 198 -0.29 5.47 7.98
CA THR A 198 -1.60 5.47 8.67
C THR A 198 -1.46 6.41 9.87
N ALA A 199 -1.81 5.97 11.06
CA ALA A 199 -2.04 6.84 12.21
C ALA A 199 -0.82 6.87 13.12
N ILE A 200 -0.78 7.97 13.83
CA ILE A 200 0.20 8.15 14.91
C ILE A 200 -0.58 8.42 16.19
N VAL A 201 -0.38 7.54 17.19
CA VAL A 201 -1.17 7.57 18.42
C VAL A 201 -0.21 7.82 19.59
N LEU A 202 -0.49 8.87 20.36
CA LEU A 202 0.26 9.14 21.60
C LEU A 202 -0.66 8.88 22.78
N ASN A 203 -0.33 7.88 23.56
CA ASN A 203 -1.06 7.56 24.81
C ASN A 203 -0.65 8.51 25.94
N THR A 204 -1.37 8.43 27.04
CA THR A 204 -1.34 9.44 28.12
C THR A 204 0.09 9.80 28.48
N GLY A 205 0.41 11.09 28.34
CA GLY A 205 1.69 11.56 28.88
C GLY A 205 2.85 11.35 27.92
N ALA A 206 2.64 10.82 26.74
CA ALA A 206 3.75 10.60 25.79
C ALA A 206 4.33 11.94 25.37
N THR A 207 5.63 11.95 25.09
CA THR A 207 6.38 13.09 24.54
C THR A 207 6.94 12.73 23.18
N LEU A 208 6.70 13.57 22.18
CA LEU A 208 7.35 13.49 20.88
C LEU A 208 8.18 14.72 20.65
N ASN A 209 9.47 14.50 20.44
CA ASN A 209 10.40 15.55 19.98
C ASN A 209 10.66 15.27 18.53
N GLY A 210 10.01 16.01 17.63
CA GLY A 210 10.11 15.68 16.21
C GLY A 210 8.86 16.16 15.51
N ARG A 211 8.34 15.39 14.61
CA ARG A 211 7.16 15.75 13.79
C ARG A 211 6.30 14.50 13.65
N ALA A 212 4.99 14.64 13.71
CA ALA A 212 4.06 13.54 13.48
C ALA A 212 3.35 13.81 12.14
N LEU A 213 3.80 13.10 11.09
CA LEU A 213 3.37 13.36 9.69
C LEU A 213 2.59 12.14 9.23
N ALA A 214 1.28 12.16 9.42
CA ALA A 214 0.43 10.99 9.20
C ALA A 214 -0.47 11.13 7.97
N GLN A 215 -0.60 10.05 7.24
CA GLN A 215 -1.54 10.04 6.09
C GLN A 215 -2.91 9.57 6.54
N THR A 216 -3.11 9.17 7.78
CA THR A 216 -4.48 9.19 8.38
C THR A 216 -4.50 10.21 9.51
N ALA A 217 -4.59 9.74 10.75
CA ALA A 217 -4.92 10.64 11.86
C ALA A 217 -3.78 10.69 12.87
N VAL A 218 -3.79 11.75 13.66
CA VAL A 218 -2.88 11.84 14.84
C VAL A 218 -3.76 12.00 16.07
N THR A 219 -3.57 11.18 17.10
CA THR A 219 -4.34 11.32 18.36
C THR A 219 -3.36 11.58 19.51
N LEU A 220 -3.74 12.54 20.36
CA LEU A 220 -2.91 12.96 21.52
C LEU A 220 -3.72 12.76 22.78
N ASP A 221 -3.04 12.31 23.80
CA ASP A 221 -3.67 12.16 25.13
C ASP A 221 -2.71 12.75 26.15
N ALA A 222 -2.99 13.93 26.66
CA ALA A 222 -2.11 14.59 27.64
C ALA A 222 -0.67 14.50 27.18
N SER A 223 -0.44 14.89 25.93
CA SER A 223 0.87 14.64 25.27
C SER A 223 1.64 15.93 25.08
N THR A 224 2.95 15.85 24.99
CA THR A 224 3.79 16.98 24.61
C THR A 224 4.35 16.70 23.23
N VAL A 225 4.17 17.64 22.32
CA VAL A 225 4.73 17.52 20.97
C VAL A 225 5.50 18.76 20.64
N SER A 226 6.76 18.63 20.25
CA SER A 226 7.56 19.82 19.91
C SER A 226 8.64 19.48 18.91
N ALA A 227 9.02 20.38 18.01
CA ALA A 227 10.24 20.09 17.21
C ALA A 227 11.42 20.94 17.69
N SER A 228 11.33 21.60 18.86
CA SER A 228 12.33 22.62 19.31
C SER A 228 12.68 22.44 20.80
N MET B 4 10.84 -20.68 -27.78
CA MET B 4 11.07 -21.75 -28.86
C MET B 4 9.76 -22.39 -29.33
N ALA B 5 8.98 -22.99 -28.42
CA ALA B 5 7.53 -23.11 -28.58
C ALA B 5 6.89 -21.94 -27.81
N SER B 6 7.72 -21.02 -27.32
CA SER B 6 7.26 -19.87 -26.53
C SER B 6 6.51 -18.94 -27.48
N PRO B 7 5.19 -18.77 -27.28
CA PRO B 7 4.47 -17.81 -28.08
C PRO B 7 4.88 -16.39 -27.64
N ALA B 8 4.58 -15.42 -28.48
CA ALA B 8 4.69 -14.02 -28.09
C ALA B 8 3.80 -13.76 -26.87
N ALA B 9 4.27 -12.96 -25.91
CA ALA B 9 3.46 -12.53 -24.74
C ALA B 9 2.19 -11.83 -25.22
N VAL B 10 1.13 -12.03 -24.47
CA VAL B 10 -0.12 -11.23 -24.60
C VAL B 10 0.15 -9.82 -24.07
N ASN B 11 -0.24 -8.81 -24.84
CA ASN B 11 0.01 -7.40 -24.49
C ASN B 11 -1.21 -6.84 -23.75
N LEU B 12 -0.96 -6.26 -22.62
CA LEU B 12 -2.05 -5.75 -21.75
C LEU B 12 -2.30 -4.26 -21.91
N GLY B 13 -1.44 -3.49 -22.59
CA GLY B 13 -1.56 -2.04 -22.59
C GLY B 13 -1.85 -1.54 -21.21
N THR B 14 -2.75 -0.59 -21.02
CA THR B 14 -2.87 0.03 -19.69
C THR B 14 -3.59 -0.87 -18.70
N ALA B 15 -4.18 -1.98 -19.14
CA ALA B 15 -4.61 -3.01 -18.16
C ALA B 15 -3.41 -3.46 -17.32
N GLY B 16 -2.20 -3.39 -17.88
CA GLY B 16 -0.97 -3.73 -17.15
C GLY B 16 -0.63 -2.70 -16.09
N ASN B 17 -1.48 -1.68 -15.88
CA ASN B 17 -1.27 -0.66 -14.82
C ASN B 17 -2.10 -1.01 -13.60
N PHE B 18 -2.86 -2.10 -13.63
CA PHE B 18 -3.76 -2.47 -12.53
C PHE B 18 -3.48 -3.90 -12.11
N VAL B 19 -3.59 -4.20 -10.83
CA VAL B 19 -3.48 -5.62 -10.39
C VAL B 19 -4.89 -6.23 -10.37
N ILE B 20 -5.93 -5.42 -10.14
CA ILE B 20 -7.32 -5.88 -10.29
C ILE B 20 -8.02 -4.87 -11.18
N LEU B 21 -8.68 -5.34 -12.22
CA LEU B 21 -9.52 -4.57 -13.16
C LEU B 21 -10.79 -5.34 -13.40
N ALA B 22 -11.95 -4.76 -13.13
CA ALA B 22 -13.21 -5.50 -13.30
C ALA B 22 -14.26 -4.61 -13.92
N LYS B 23 -15.14 -5.18 -14.69
CA LYS B 23 -16.24 -4.45 -15.30
C LYS B 23 -17.45 -4.36 -14.37
N SER B 24 -17.69 -5.33 -13.48
CA SER B 24 -18.95 -5.35 -12.71
C SER B 24 -18.71 -5.49 -11.22
N GLY B 25 -17.53 -5.19 -10.74
CA GLY B 25 -17.34 -5.03 -9.30
C GLY B 25 -16.10 -5.72 -8.74
N ILE B 26 -15.67 -5.27 -7.57
CA ILE B 26 -14.60 -5.86 -6.74
C ILE B 26 -15.15 -5.90 -5.34
N SER B 27 -15.26 -7.07 -4.75
CA SER B 27 -15.78 -7.23 -3.37
C SER B 27 -14.71 -7.90 -2.51
N THR B 28 -14.61 -7.55 -1.25
CA THR B 28 -13.67 -8.17 -0.27
C THR B 28 -14.38 -8.41 1.04
N THR B 29 -13.99 -9.50 1.65
CA THR B 29 -14.29 -9.83 3.05
C THR B 29 -12.96 -10.28 3.66
N GLY B 30 -12.89 -10.18 4.97
CA GLY B 30 -11.75 -10.71 5.74
C GLY B 30 -10.45 -9.98 5.55
N THR B 31 -9.36 -10.61 5.91
CA THR B 31 -8.02 -9.95 5.99
C THR B 31 -7.38 -9.96 4.60
N THR B 32 -7.97 -9.18 3.71
CA THR B 32 -7.43 -8.98 2.33
C THR B 32 -6.33 -7.93 2.31
N HIS B 33 -5.38 -8.15 1.44
CA HIS B 33 -4.38 -7.11 1.14
C HIS B 33 -4.05 -7.10 -0.34
N VAL B 34 -4.21 -5.96 -0.98
CA VAL B 34 -3.83 -5.78 -2.39
C VAL B 34 -2.68 -4.79 -2.49
N THR B 35 -1.67 -5.19 -3.23
CA THR B 35 -0.54 -4.30 -3.58
C THR B 35 -0.66 -3.99 -5.07
N GLY B 36 -0.82 -2.69 -5.35
CA GLY B 36 -1.05 -2.22 -6.72
C GLY B 36 -2.36 -1.48 -6.79
N ASP B 37 -2.64 -0.95 -7.97
CA ASP B 37 -3.86 -0.16 -8.24
C ASP B 37 -5.00 -1.07 -8.67
N ILE B 38 -6.20 -0.69 -8.28
CA ILE B 38 -7.40 -1.42 -8.71
C ILE B 38 -8.33 -0.45 -9.38
N GLY B 39 -9.22 -0.94 -10.23
CA GLY B 39 -10.17 -0.14 -10.97
C GLY B 39 -11.37 -0.91 -11.44
N VAL B 40 -12.45 -0.17 -11.62
CA VAL B 40 -13.71 -0.71 -12.18
C VAL B 40 -14.20 0.25 -13.24
N SER B 41 -14.80 -0.33 -14.27
CA SER B 41 -15.54 0.41 -15.30
C SER B 41 -16.21 -0.63 -16.14
N PRO B 42 -17.47 -0.45 -16.64
CA PRO B 42 -18.26 0.76 -16.45
C PRO B 42 -19.11 0.82 -15.18
N ILE B 43 -19.03 -0.19 -14.35
CA ILE B 43 -19.63 -0.08 -13.00
C ILE B 43 -18.94 1.07 -12.26
N THR B 44 -19.68 1.71 -11.34
CA THR B 44 -19.18 2.80 -10.49
C THR B 44 -18.54 2.26 -9.23
N ALA B 45 -18.02 3.15 -8.41
CA ALA B 45 -17.36 2.77 -7.16
C ALA B 45 -18.38 2.13 -6.21
N THR B 46 -19.69 2.29 -6.43
CA THR B 46 -20.72 1.56 -5.68
C THR B 46 -20.42 0.06 -5.77
N GLY B 47 -19.83 -0.39 -6.88
CA GLY B 47 -19.52 -1.82 -7.09
C GLY B 47 -18.22 -2.26 -6.46
N ILE B 48 -17.50 -1.39 -5.78
CA ILE B 48 -16.30 -1.73 -4.98
C ILE B 48 -16.74 -1.80 -3.53
N THR B 49 -16.79 -3.00 -2.94
CA THR B 49 -17.40 -3.19 -1.61
C THR B 49 -16.39 -3.82 -0.66
N GLY B 50 -16.42 -3.38 0.58
CA GLY B 50 -15.58 -3.90 1.66
C GLY B 50 -14.29 -3.17 1.85
N PHE B 51 -13.97 -2.16 1.02
CA PHE B 51 -12.63 -1.52 1.04
C PHE B 51 -12.60 -0.23 1.87
N GLY B 52 -13.73 0.25 2.39
CA GLY B 52 -13.76 1.52 3.18
C GLY B 52 -13.03 2.64 2.46
N LEU B 53 -13.56 3.07 1.33
CA LEU B 53 -12.87 4.05 0.47
C LEU B 53 -12.99 5.46 1.04
N THR B 54 -11.94 6.22 0.81
CA THR B 54 -11.97 7.69 1.01
C THR B 54 -11.50 8.37 -0.26
N MET B 55 -12.27 9.32 -0.76
CA MET B 55 -11.91 10.04 -2.00
C MET B 55 -10.71 10.94 -1.71
N ASP B 56 -9.80 10.97 -2.67
CA ASP B 56 -8.79 12.05 -2.76
C ASP B 56 -9.54 13.38 -2.89
N SER B 57 -8.95 14.46 -2.45
CA SER B 57 -9.52 15.82 -2.62
C SER B 57 -9.95 16.07 -4.08
N SER B 58 -9.20 15.56 -5.06
CA SER B 58 -9.44 15.75 -6.51
C SER B 58 -10.66 14.98 -6.98
N ASN B 59 -11.10 13.98 -6.22
CA ASN B 59 -12.18 13.03 -6.59
C ASN B 59 -11.76 12.16 -7.79
N THR B 60 -10.48 12.10 -8.14
CA THR B 60 -9.99 11.29 -9.28
C THR B 60 -9.69 9.86 -8.84
N PHE B 61 -9.48 9.62 -7.54
CA PHE B 61 -9.16 8.26 -7.04
C PHE B 61 -9.52 8.23 -5.58
N ALA B 62 -9.55 7.04 -5.04
CA ALA B 62 -9.85 6.77 -3.62
C ALA B 62 -8.68 5.98 -3.04
N THR B 63 -8.60 5.97 -1.71
CA THR B 63 -7.65 5.14 -0.94
C THR B 63 -8.44 4.21 -0.01
N SER B 64 -7.76 3.11 0.31
CA SER B 64 -8.25 2.06 1.21
C SER B 64 -7.10 1.57 2.11
N ALA B 65 -7.43 1.24 3.35
CA ALA B 65 -6.46 0.59 4.26
C ALA B 65 -6.02 -0.76 3.68
N LEU B 66 -6.81 -1.39 2.79
CA LEU B 66 -6.51 -2.75 2.29
C LEU B 66 -5.67 -2.70 1.01
N VAL B 67 -5.48 -1.53 0.42
CA VAL B 67 -4.81 -1.38 -0.89
C VAL B 67 -3.57 -0.50 -0.72
N THR B 68 -2.44 -1.05 -1.09
CA THR B 68 -1.15 -0.34 -1.20
C THR B 68 -1.15 0.12 -2.64
N GLY B 69 -1.71 1.30 -2.87
CA GLY B 69 -1.97 1.81 -4.23
C GLY B 69 -3.20 2.69 -4.21
N LYS B 70 -3.83 2.87 -5.37
CA LYS B 70 -4.99 3.78 -5.54
C LYS B 70 -6.13 3.03 -6.20
N VAL B 71 -7.30 3.48 -5.89
CA VAL B 71 -8.56 2.85 -6.35
C VAL B 71 -9.17 3.79 -7.36
N TYR B 72 -9.60 3.27 -8.51
CA TYR B 72 -10.21 4.06 -9.58
C TYR B 72 -11.57 3.48 -9.95
N ALA B 73 -12.46 4.32 -10.47
CA ALA B 73 -13.79 3.89 -10.88
C ALA B 73 -14.33 4.85 -11.93
N ALA B 74 -15.26 4.34 -12.72
CA ALA B 74 -15.85 5.02 -13.88
C ALA B 74 -16.44 6.38 -13.55
N ASP B 75 -17.01 6.52 -12.37
CA ASP B 75 -17.74 7.73 -11.93
C ASP B 75 -16.80 8.74 -11.27
N TYR B 76 -15.51 8.51 -11.18
CA TYR B 76 -14.59 9.47 -10.58
C TYR B 76 -14.35 10.62 -11.57
N THR B 77 -13.62 11.62 -11.12
CA THR B 77 -13.51 12.85 -11.94
C THR B 77 -12.48 12.65 -13.04
N PRO B 78 -12.71 13.28 -14.21
CA PRO B 78 -11.71 13.23 -15.27
C PRO B 78 -10.32 13.58 -14.75
N PRO B 79 -9.25 12.93 -15.22
CA PRO B 79 -9.30 12.02 -16.38
C PRO B 79 -9.64 10.56 -16.10
N THR B 80 -10.12 10.23 -14.90
CA THR B 80 -10.25 8.81 -14.50
C THR B 80 -11.27 8.07 -15.37
N PRO B 81 -12.44 8.61 -15.78
CA PRO B 81 -13.32 7.83 -16.64
C PRO B 81 -12.67 7.38 -17.96
N ALA B 82 -12.01 8.31 -18.63
CA ALA B 82 -11.31 8.03 -19.89
C ALA B 82 -10.21 7.00 -19.62
N ASN B 83 -9.42 7.21 -18.55
CA ASN B 83 -8.32 6.27 -18.26
C ASN B 83 -8.88 4.86 -18.01
N MET B 84 -9.97 4.77 -17.26
CA MET B 84 -10.57 3.45 -16.99
C MET B 84 -11.21 2.84 -18.23
N SER B 85 -11.82 3.63 -19.08
CA SER B 85 -12.39 3.11 -20.34
C SER B 85 -11.26 2.52 -21.20
N THR B 86 -10.15 3.23 -21.28
CA THR B 86 -9.01 2.74 -22.10
C THR B 86 -8.47 1.46 -21.46
N ALA B 87 -8.35 1.39 -20.13
CA ALA B 87 -7.77 0.17 -19.49
C ALA B 87 -8.69 -1.02 -19.75
N VAL B 88 -10.00 -0.85 -19.62
CA VAL B 88 -10.98 -1.93 -19.86
C VAL B 88 -10.97 -2.34 -21.33
N SER B 89 -10.85 -1.36 -22.24
CA SER B 89 -10.72 -1.69 -23.68
C SER B 89 -9.44 -2.51 -23.92
N ASP B 90 -8.36 -2.13 -23.25
CA ASP B 90 -7.08 -2.85 -23.43
C ASP B 90 -7.16 -4.24 -22.80
N MET B 91 -7.91 -4.41 -21.74
CA MET B 91 -8.12 -5.76 -21.16
C MET B 91 -8.91 -6.58 -22.17
N GLU B 92 -9.92 -6.00 -22.77
CA GLU B 92 -10.78 -6.75 -23.72
C GLU B 92 -9.97 -7.14 -24.96
N THR B 93 -9.14 -6.22 -25.46
CA THR B 93 -8.25 -6.51 -26.59
C THR B 93 -7.34 -7.68 -26.21
N ALA B 94 -6.74 -7.61 -25.02
CA ALA B 94 -5.82 -8.67 -24.56
C ALA B 94 -6.53 -10.02 -24.44
N TYR B 95 -7.70 -10.05 -23.82
CA TYR B 95 -8.48 -11.30 -23.73
C TYR B 95 -8.72 -11.89 -25.14
N THR B 96 -9.21 -11.08 -26.06
CA THR B 96 -9.51 -11.54 -27.44
C THR B 96 -8.24 -12.04 -28.13
N ALA B 97 -7.13 -11.32 -27.96
CA ALA B 97 -5.85 -11.70 -28.57
C ALA B 97 -5.44 -13.04 -27.98
N ALA B 98 -5.50 -13.19 -26.66
CA ALA B 98 -5.05 -14.42 -25.98
C ALA B 98 -5.90 -15.60 -26.45
N ALA B 99 -7.21 -15.38 -26.61
CA ALA B 99 -8.16 -16.44 -27.01
C ALA B 99 -7.86 -16.86 -28.45
N GLY B 100 -7.35 -15.93 -29.27
CA GLY B 100 -7.23 -16.12 -30.72
C GLY B 100 -5.87 -16.64 -31.12
N VAL B 101 -4.87 -16.65 -30.21
CA VAL B 101 -3.49 -17.06 -30.53
C VAL B 101 -3.54 -18.45 -31.14
N THR B 102 -2.89 -18.63 -32.28
CA THR B 102 -2.69 -20.00 -32.80
C THR B 102 -1.20 -20.27 -32.83
N ALA B 103 -0.87 -21.52 -32.76
CA ALA B 103 0.53 -21.96 -32.63
C ALA B 103 0.60 -23.03 -33.69
N PRO B 104 1.81 -23.31 -34.22
CA PRO B 104 2.03 -24.52 -35.04
C PRO B 104 1.47 -25.80 -34.38
N ALA B 105 1.63 -25.92 -33.06
CA ALA B 105 1.36 -27.14 -32.26
C ALA B 105 0.78 -26.79 -30.88
N PRO B 106 -0.46 -26.27 -30.82
CA PRO B 106 -1.13 -26.10 -29.53
C PRO B 106 -1.31 -27.48 -28.89
N VAL B 107 -1.27 -27.52 -27.58
CA VAL B 107 -1.58 -28.74 -26.80
C VAL B 107 -3.08 -28.74 -26.56
N VAL B 108 -3.79 -29.73 -27.04
CA VAL B 108 -5.28 -29.71 -27.07
C VAL B 108 -5.86 -30.67 -26.04
N GLU B 109 -6.77 -30.17 -25.21
CA GLU B 109 -7.57 -30.98 -24.25
C GLU B 109 -6.64 -31.80 -23.36
N LEU B 110 -5.53 -31.24 -22.94
CA LEU B 110 -4.55 -31.90 -22.03
C LEU B 110 -5.22 -32.38 -20.73
N GLY B 111 -5.05 -33.64 -20.40
CA GLY B 111 -5.53 -34.25 -19.14
C GLY B 111 -7.03 -34.31 -19.10
N ALA B 112 -7.73 -34.09 -20.22
CA ALA B 112 -9.18 -33.85 -20.27
C ALA B 112 -9.54 -32.73 -19.29
N GLY B 113 -8.61 -31.79 -19.09
CA GLY B 113 -8.87 -30.65 -18.18
C GLY B 113 -8.10 -30.72 -16.87
N ASN B 114 -7.70 -31.91 -16.41
CA ASN B 114 -7.00 -32.08 -15.14
C ASN B 114 -5.50 -31.96 -15.38
N ILE B 115 -4.85 -30.88 -14.95
CA ILE B 115 -3.38 -30.71 -15.13
C ILE B 115 -2.62 -30.93 -13.85
N GLY B 116 -3.30 -31.52 -12.84
CA GLY B 116 -2.61 -31.84 -11.60
C GLY B 116 -1.39 -32.72 -11.84
N GLY B 117 -0.28 -32.40 -11.16
CA GLY B 117 0.96 -33.20 -11.22
C GLY B 117 1.80 -32.94 -12.47
N MET B 118 1.31 -32.16 -13.44
CA MET B 118 2.04 -32.04 -14.70
C MET B 118 3.18 -31.05 -14.56
N THR B 119 4.10 -31.12 -15.50
CA THR B 119 5.14 -30.10 -15.73
C THR B 119 4.93 -29.58 -17.15
N LEU B 120 4.66 -28.30 -17.29
CA LEU B 120 4.21 -27.73 -18.59
C LEU B 120 5.30 -26.79 -19.07
N ALA B 121 5.96 -27.12 -20.17
CA ALA B 121 6.94 -26.21 -20.78
C ALA B 121 6.17 -25.11 -21.51
N PRO B 122 6.88 -24.07 -21.98
CA PRO B 122 6.23 -22.98 -22.69
C PRO B 122 5.40 -23.48 -23.85
N GLY B 123 4.32 -22.78 -24.16
CA GLY B 123 3.46 -23.16 -25.26
C GLY B 123 2.08 -22.58 -25.15
N VAL B 124 1.25 -22.98 -26.10
CA VAL B 124 -0.19 -22.62 -26.15
C VAL B 124 -0.99 -23.87 -25.82
N TYR B 125 -1.86 -23.80 -24.82
CA TYR B 125 -2.64 -24.94 -24.29
C TYR B 125 -4.10 -24.55 -24.40
N LYS B 126 -4.92 -25.34 -25.05
CA LYS B 126 -6.34 -25.02 -25.32
C LYS B 126 -7.21 -26.17 -24.79
N TRP B 127 -8.32 -25.80 -24.16
CA TRP B 127 -9.38 -26.76 -23.77
C TRP B 127 -10.75 -26.22 -24.17
N SER B 128 -11.67 -27.11 -24.57
CA SER B 128 -13.10 -26.80 -24.75
C SER B 128 -13.86 -27.07 -23.45
N THR B 129 -13.22 -27.73 -22.50
CA THR B 129 -13.75 -28.01 -21.15
C THR B 129 -13.29 -26.93 -20.18
N GLY B 130 -13.60 -27.10 -18.91
CA GLY B 130 -12.87 -26.37 -17.86
C GLY B 130 -11.61 -27.08 -17.56
N VAL B 131 -10.80 -26.49 -16.68
CA VAL B 131 -9.50 -26.99 -16.20
C VAL B 131 -9.55 -27.05 -14.68
N THR B 132 -9.05 -28.14 -14.13
CA THR B 132 -8.83 -28.28 -12.69
C THR B 132 -7.35 -28.44 -12.37
N ILE B 133 -6.94 -27.99 -11.21
CA ILE B 133 -5.58 -28.11 -10.67
C ILE B 133 -5.75 -28.66 -9.25
N PRO B 134 -5.99 -29.97 -9.13
CA PRO B 134 -6.30 -30.58 -7.83
C PRO B 134 -5.07 -30.95 -7.01
N THR B 135 -3.92 -31.00 -7.71
CA THR B 135 -2.61 -31.17 -7.07
C THR B 135 -1.63 -30.23 -7.79
N ASP B 136 -0.51 -29.95 -7.19
CA ASP B 136 0.40 -28.93 -7.74
C ASP B 136 0.73 -29.20 -9.20
N VAL B 137 0.79 -28.11 -9.97
CA VAL B 137 1.29 -28.17 -11.35
C VAL B 137 2.55 -27.30 -11.36
N THR B 138 3.49 -27.62 -12.24
CA THR B 138 4.71 -26.81 -12.42
C THR B 138 4.74 -26.27 -13.84
N LEU B 139 5.02 -24.98 -13.98
CA LEU B 139 5.36 -24.33 -15.27
C LEU B 139 6.87 -24.11 -15.25
N ALA B 140 7.55 -24.81 -16.20
CA ALA B 140 9.02 -24.87 -16.22
C ALA B 140 9.56 -24.25 -17.53
N GLY B 141 10.25 -23.13 -17.37
CA GLY B 141 10.86 -22.45 -18.53
C GLY B 141 11.58 -21.21 -18.05
N GLY B 142 12.18 -20.46 -19.01
CA GLY B 142 13.05 -19.30 -18.74
C GLY B 142 12.32 -18.03 -18.36
N ALA B 143 13.05 -16.98 -17.97
CA ALA B 143 12.48 -15.75 -17.43
C ALA B 143 11.73 -14.99 -18.52
N ASN B 144 12.03 -15.21 -19.80
CA ASN B 144 11.27 -14.54 -20.87
C ASN B 144 10.39 -15.51 -21.63
N ASP B 145 10.21 -16.74 -21.16
CA ASP B 145 9.31 -17.67 -21.83
C ASP B 145 7.86 -17.43 -21.41
N VAL B 146 6.96 -17.81 -22.30
CA VAL B 146 5.51 -17.47 -22.23
C VAL B 146 4.66 -18.73 -22.17
N TRP B 147 3.60 -18.70 -21.37
CA TRP B 147 2.54 -19.71 -21.38
C TRP B 147 1.22 -19.03 -21.69
N ILE B 148 0.44 -19.56 -22.61
CA ILE B 148 -0.94 -19.10 -22.91
C ILE B 148 -1.90 -20.26 -22.78
N PHE B 149 -2.84 -20.12 -21.87
CA PHE B 149 -3.87 -21.13 -21.56
C PHE B 149 -5.19 -20.60 -22.08
N GLN B 150 -5.92 -21.37 -22.85
CA GLN B 150 -7.16 -20.97 -23.56
C GLN B 150 -8.26 -21.88 -23.08
N ILE B 151 -9.11 -21.40 -22.18
CA ILE B 151 -10.06 -22.29 -21.46
C ILE B 151 -11.47 -21.82 -21.73
N ALA B 152 -12.30 -22.68 -22.36
CA ALA B 152 -13.66 -22.30 -22.79
C ALA B 152 -14.63 -22.30 -21.61
N GLN B 153 -14.34 -23.00 -20.51
CA GLN B 153 -15.26 -23.02 -19.36
C GLN B 153 -14.51 -22.50 -18.14
N THR B 154 -14.57 -23.21 -17.02
CA THR B 154 -14.05 -22.75 -15.72
C THR B 154 -12.58 -23.09 -15.52
N LEU B 155 -11.92 -22.44 -14.59
CA LEU B 155 -10.56 -22.77 -14.12
C LEU B 155 -10.58 -22.85 -12.59
N ASP B 156 -10.09 -23.94 -12.01
CA ASP B 156 -10.17 -24.15 -10.56
C ASP B 156 -8.83 -24.54 -10.00
N LEU B 157 -8.24 -23.81 -9.08
CA LEU B 157 -7.03 -24.20 -8.34
C LEU B 157 -7.48 -24.63 -6.96
N SER B 158 -7.26 -25.88 -6.61
CA SER B 158 -7.82 -26.45 -5.36
C SER B 158 -7.14 -25.89 -4.09
N ASN B 159 -7.78 -26.12 -2.96
CA ASN B 159 -7.33 -25.66 -1.63
C ASN B 159 -5.87 -26.06 -1.39
N GLY B 160 -5.01 -25.12 -1.05
CA GLY B 160 -3.61 -25.40 -0.67
C GLY B 160 -2.72 -25.68 -1.86
N ILE B 161 -3.24 -25.68 -3.08
CA ILE B 161 -2.46 -26.10 -4.29
C ILE B 161 -1.77 -24.88 -4.90
N HIS B 162 -0.62 -25.17 -5.46
CA HIS B 162 0.27 -24.15 -6.07
C HIS B 162 0.37 -24.39 -7.55
N VAL B 163 0.47 -23.28 -8.27
CA VAL B 163 1.06 -23.24 -9.63
C VAL B 163 2.53 -22.94 -9.41
N ASN B 164 3.33 -23.96 -9.34
CA ASN B 164 4.78 -23.79 -9.09
C ASN B 164 5.48 -23.30 -10.36
N LEU B 165 6.50 -22.47 -10.16
CA LEU B 165 7.34 -21.95 -11.25
C LEU B 165 8.71 -22.57 -11.08
N SER B 166 9.28 -23.00 -12.19
CA SER B 166 10.67 -23.53 -12.15
C SER B 166 11.43 -23.00 -13.36
N GLY B 167 12.75 -22.92 -13.23
CA GLY B 167 13.58 -22.63 -14.40
C GLY B 167 13.71 -21.15 -14.69
N GLY B 168 13.23 -20.28 -13.80
CA GLY B 168 13.23 -18.81 -13.99
C GLY B 168 11.90 -18.29 -14.52
N ALA B 169 10.93 -19.18 -14.70
CA ALA B 169 9.57 -18.79 -15.19
C ALA B 169 9.02 -17.65 -14.32
N GLN B 170 8.39 -16.67 -14.97
CA GLN B 170 7.84 -15.47 -14.33
C GLN B 170 6.34 -15.44 -14.49
N ALA B 171 5.68 -15.19 -13.35
CA ALA B 171 4.22 -15.01 -13.29
C ALA B 171 3.78 -14.00 -14.35
N ALA B 172 4.58 -12.96 -14.59
CA ALA B 172 4.19 -11.86 -15.49
C ALA B 172 4.05 -12.35 -16.92
N ASN B 173 4.64 -13.50 -17.26
CA ASN B 173 4.66 -14.01 -18.65
C ASN B 173 3.68 -15.18 -18.85
N ILE B 174 2.83 -15.40 -17.87
CA ILE B 174 1.85 -16.51 -17.90
C ILE B 174 0.46 -15.87 -18.06
N PHE B 175 -0.34 -16.37 -18.99
CA PHE B 175 -1.64 -15.76 -19.38
C PHE B 175 -2.72 -16.83 -19.41
N TRP B 176 -3.68 -16.71 -18.50
CA TRP B 176 -4.81 -17.66 -18.42
C TRP B 176 -6.01 -16.95 -19.02
N GLN B 177 -6.41 -17.29 -20.23
CA GLN B 177 -7.63 -16.80 -20.88
C GLN B 177 -8.75 -17.76 -20.49
N VAL B 178 -9.73 -17.30 -19.74
CA VAL B 178 -10.78 -18.19 -19.17
C VAL B 178 -12.14 -17.57 -19.41
N ALA B 179 -13.00 -18.25 -20.16
CA ALA B 179 -14.34 -17.72 -20.49
C ALA B 179 -15.24 -17.82 -19.26
N GLY B 180 -15.19 -18.95 -18.56
CA GLY B 180 -15.99 -19.15 -17.35
C GLY B 180 -15.29 -18.61 -16.14
N GLN B 181 -15.87 -18.86 -14.99
CA GLN B 181 -15.32 -18.40 -13.72
C GLN B 181 -13.97 -19.04 -13.44
N THR B 182 -13.03 -18.27 -12.95
CA THR B 182 -11.78 -18.74 -12.32
C THR B 182 -11.91 -18.69 -10.81
N THR B 183 -11.72 -19.81 -10.14
CA THR B 183 -11.84 -19.94 -8.69
C THR B 183 -10.53 -20.44 -8.08
N LEU B 184 -9.96 -19.71 -7.14
CA LEU B 184 -8.74 -20.04 -6.40
C LEU B 184 -9.23 -20.53 -5.03
N GLY B 185 -8.78 -21.72 -4.67
CA GLY B 185 -9.16 -22.35 -3.39
C GLY B 185 -8.48 -21.68 -2.20
N THR B 186 -8.95 -22.04 -1.02
CA THR B 186 -8.35 -21.53 0.23
C THR B 186 -6.85 -21.85 0.27
N THR B 187 -6.04 -20.89 0.71
CA THR B 187 -4.58 -20.94 0.88
C THR B 187 -3.90 -21.43 -0.40
N SER B 188 -4.56 -21.30 -1.57
CA SER B 188 -3.90 -21.65 -2.85
C SER B 188 -2.91 -20.54 -3.24
N VAL B 189 -1.98 -20.89 -4.10
CA VAL B 189 -1.00 -19.89 -4.63
C VAL B 189 -1.06 -20.02 -6.15
N PHE B 190 -1.52 -18.98 -6.80
CA PHE B 190 -1.69 -18.91 -8.26
C PHE B 190 -0.67 -17.94 -8.83
N ASN B 191 -0.03 -18.37 -9.90
CA ASN B 191 0.92 -17.54 -10.65
C ASN B 191 0.36 -17.31 -12.04
N GLY B 192 0.32 -16.04 -12.42
CA GLY B 192 -0.03 -15.66 -13.78
C GLY B 192 -1.14 -14.65 -13.80
N ASN B 193 -1.35 -14.09 -14.97
CA ASN B 193 -2.42 -13.12 -15.29
C ASN B 193 -3.68 -13.89 -15.67
N ILE B 194 -4.78 -13.49 -15.07
CA ILE B 194 -6.09 -14.08 -15.36
C ILE B 194 -6.89 -13.10 -16.20
N LEU B 195 -7.12 -13.44 -17.46
CA LEU B 195 -7.96 -12.69 -18.41
C LEU B 195 -9.28 -13.43 -18.50
N ASP B 196 -10.24 -12.98 -17.68
CA ASP B 196 -11.51 -13.71 -17.53
C ASP B 196 -12.60 -13.02 -18.32
N GLN B 197 -13.43 -13.80 -19.00
CA GLN B 197 -14.62 -13.22 -19.67
C GLN B 197 -15.72 -12.97 -18.62
N THR B 198 -15.65 -13.71 -17.51
CA THR B 198 -16.58 -13.54 -16.37
C THR B 198 -15.76 -13.36 -15.09
N ALA B 199 -16.08 -14.07 -14.02
CA ALA B 199 -15.66 -13.70 -12.66
C ALA B 199 -14.38 -14.38 -12.24
N ILE B 200 -13.68 -13.75 -11.33
CA ILE B 200 -12.49 -14.30 -10.64
C ILE B 200 -12.78 -14.28 -9.16
N VAL B 201 -12.68 -15.41 -8.50
CA VAL B 201 -13.07 -15.55 -7.08
C VAL B 201 -11.90 -16.17 -6.32
N LEU B 202 -11.45 -15.51 -5.27
CA LEU B 202 -10.38 -15.97 -4.38
C LEU B 202 -10.94 -16.30 -3.00
N ASN B 203 -10.85 -17.56 -2.64
CA ASN B 203 -11.34 -18.06 -1.34
C ASN B 203 -10.30 -17.82 -0.25
N THR B 204 -10.75 -17.96 1.00
CA THR B 204 -9.98 -17.55 2.18
C THR B 204 -8.50 -17.85 2.08
N GLY B 205 -7.67 -16.80 2.12
CA GLY B 205 -6.22 -16.95 2.23
C GLY B 205 -5.52 -17.28 0.93
N ALA B 206 -6.21 -17.18 -0.22
CA ALA B 206 -5.56 -17.39 -1.52
C ALA B 206 -4.54 -16.28 -1.78
N THR B 207 -3.55 -16.60 -2.59
CA THR B 207 -2.53 -15.67 -3.10
C THR B 207 -2.58 -15.68 -4.61
N LEU B 208 -2.64 -14.51 -5.21
CA LEU B 208 -2.47 -14.32 -6.67
C LEU B 208 -1.22 -13.47 -6.86
N ASN B 209 -0.24 -14.06 -7.51
CA ASN B 209 0.92 -13.36 -8.09
C ASN B 209 0.61 -13.15 -9.56
N GLY B 210 0.17 -11.95 -9.91
CA GLY B 210 -0.40 -11.68 -11.23
C GLY B 210 -1.55 -10.73 -11.12
N ARG B 211 -2.25 -10.56 -12.21
CA ARG B 211 -3.30 -9.53 -12.35
C ARG B 211 -4.63 -10.26 -12.50
N ALA B 212 -5.65 -9.78 -11.82
CA ALA B 212 -7.02 -10.31 -11.96
C ALA B 212 -7.77 -9.37 -12.89
N LEU B 213 -7.96 -9.77 -14.15
CA LEU B 213 -8.50 -8.88 -15.21
C LEU B 213 -9.84 -9.48 -15.69
N ALA B 214 -10.93 -9.07 -15.02
CA ALA B 214 -12.24 -9.73 -15.20
C ALA B 214 -13.20 -8.87 -16.01
N GLN B 215 -13.97 -9.50 -16.88
CA GLN B 215 -15.02 -8.78 -17.62
C GLN B 215 -16.36 -8.89 -16.89
N THR B 216 -16.45 -9.62 -15.77
CA THR B 216 -17.51 -9.33 -14.77
C THR B 216 -16.81 -8.93 -13.47
N ALA B 217 -16.96 -9.72 -12.41
CA ALA B 217 -16.58 -9.25 -11.07
C ALA B 217 -15.43 -10.03 -10.47
N VAL B 218 -14.73 -9.42 -9.54
CA VAL B 218 -13.69 -10.05 -8.73
C VAL B 218 -14.14 -10.08 -7.28
N THR B 219 -13.99 -11.22 -6.65
CA THR B 219 -14.35 -11.46 -5.23
C THR B 219 -13.09 -11.91 -4.49
N LEU B 220 -12.76 -11.25 -3.40
CA LEU B 220 -11.60 -11.57 -2.54
C LEU B 220 -12.15 -11.97 -1.18
N ASP B 221 -11.72 -13.12 -0.66
CA ASP B 221 -11.97 -13.49 0.74
C ASP B 221 -10.60 -13.63 1.43
N ALA B 222 -10.20 -12.67 2.24
CA ALA B 222 -8.97 -12.70 3.07
C ALA B 222 -7.80 -13.07 2.20
N SER B 223 -7.69 -12.45 1.03
CA SER B 223 -6.75 -12.87 -0.02
C SER B 223 -5.66 -11.80 -0.26
N THR B 224 -4.55 -12.22 -0.86
CA THR B 224 -3.37 -11.37 -1.16
C THR B 224 -3.25 -11.34 -2.69
N VAL B 225 -3.22 -10.14 -3.24
CA VAL B 225 -3.06 -9.90 -4.70
C VAL B 225 -1.96 -8.89 -4.91
N SER B 226 -1.02 -9.25 -5.77
CA SER B 226 0.08 -8.33 -6.14
C SER B 226 0.72 -8.83 -7.42
N ALA B 227 1.27 -7.90 -8.20
CA ALA B 227 2.03 -8.19 -9.42
C ALA B 227 3.40 -7.56 -9.26
N SER B 228 3.87 -7.48 -8.03
CA SER B 228 5.08 -6.73 -7.62
C SER B 228 6.31 -7.41 -8.22
#